data_1ZV5
#
_entry.id   1ZV5
#
_cell.length_a   114.073
_cell.length_b   114.073
_cell.length_c   35.673
_cell.angle_alpha   90.00
_cell.angle_beta   90.00
_cell.angle_gamma   90.00
#
_symmetry.space_group_name_H-M   'P 43 21 2'
#
loop_
_entity.id
_entity.type
_entity.pdbx_description
1 polymer 'Lysozyme C'
2 polymer 'immunoglobulin heavy chain antibody variable domain'
3 non-polymer 'PHOSPHATE ION'
4 water water
#
loop_
_entity_poly.entity_id
_entity_poly.type
_entity_poly.pdbx_seq_one_letter_code
_entity_poly.pdbx_strand_id
1 'polypeptide(L)'
;KVFGRCELAAAMKRHGLDNYRGYSLGNWVCAAKFESNFNTQATNRNTDGSTDYGILQINSRWWCNDGRTPGSRNLCNIPC
SALLSSDITASVNCAKKIVSDGNGMNAWVAWRNRCKGTDVQAWIRGCRL
;
L
2 'polypeptide(L)'
;DVQLVESGGGSVQAGESLRLSCAASGVTYKNYCIGWFRQAPGKDREGVVFINSDGGITYYADSVKGRFTISQDNAKNTVY
LQMNSLKPEDTASYYCAAGYRNYGQCATRYWGQGTQVTVSSRGRHHHHHH
;
A
#
loop_
_chem_comp.id
_chem_comp.type
_chem_comp.name
_chem_comp.formula
PO4 non-polymer 'PHOSPHATE ION' 'O4 P -3'
#
# COMPACT_ATOMS: atom_id res chain seq x y z
N LYS A 1 -7.19 -4.94 -15.44
CA LYS A 1 -6.61 -4.28 -16.65
C LYS A 1 -5.60 -3.20 -16.30
N VAL A 2 -4.53 -3.14 -17.10
CA VAL A 2 -3.50 -2.13 -16.90
C VAL A 2 -3.68 -1.10 -18.00
N PHE A 3 -3.97 0.14 -17.60
CA PHE A 3 -4.18 1.22 -18.55
C PHE A 3 -2.90 1.88 -19.01
N GLY A 4 -3.01 2.67 -20.07
CA GLY A 4 -1.88 3.40 -20.59
C GLY A 4 -2.06 4.84 -20.14
N ARG A 5 -0.96 5.57 -20.00
CA ARG A 5 -1.00 6.96 -19.57
C ARG A 5 -2.11 7.77 -20.24
N CYS A 6 -2.08 7.84 -21.57
CA CYS A 6 -3.06 8.60 -22.32
C CYS A 6 -4.45 7.95 -22.35
N GLU A 7 -4.49 6.63 -22.37
CA GLU A 7 -5.75 5.91 -22.37
C GLU A 7 -6.54 6.23 -21.10
N LEU A 8 -5.85 6.26 -19.97
CA LEU A 8 -6.48 6.55 -18.69
C LEU A 8 -6.95 7.99 -18.65
N ALA A 9 -6.10 8.90 -19.12
CA ALA A 9 -6.45 10.31 -19.11
C ALA A 9 -7.78 10.55 -19.86
N ALA A 10 -7.94 9.89 -21.01
CA ALA A 10 -9.15 10.03 -21.80
C ALA A 10 -10.35 9.41 -21.10
N ALA A 11 -10.14 8.25 -20.49
CA ALA A 11 -11.21 7.54 -19.76
C ALA A 11 -11.73 8.40 -18.60
N MET A 12 -10.80 9.04 -17.88
CA MET A 12 -11.18 9.89 -16.76
C MET A 12 -11.90 11.12 -17.30
N LYS A 13 -11.49 11.58 -18.47
CA LYS A 13 -12.12 12.74 -19.08
C LYS A 13 -13.57 12.40 -19.43
N ARG A 14 -13.81 11.18 -19.88
CA ARG A 14 -15.16 10.75 -20.24
C ARG A 14 -16.11 10.71 -19.04
N HIS A 15 -15.56 10.80 -17.83
CA HIS A 15 -16.41 10.80 -16.64
C HIS A 15 -16.26 12.03 -15.75
N GLY A 16 -16.03 13.16 -16.41
CA GLY A 16 -15.92 14.45 -15.75
C GLY A 16 -14.84 14.74 -14.73
N LEU A 17 -13.69 14.09 -14.84
CA LEU A 17 -12.60 14.35 -13.90
C LEU A 17 -11.71 15.50 -14.34
N ASP A 18 -11.71 15.79 -15.64
CA ASP A 18 -10.88 16.87 -16.17
C ASP A 18 -11.29 18.20 -15.52
N ASN A 19 -10.45 18.70 -14.62
CA ASN A 19 -10.71 19.96 -13.93
C ASN A 19 -11.83 19.87 -12.90
N TYR A 20 -12.19 18.66 -12.48
CA TYR A 20 -13.27 18.51 -11.50
C TYR A 20 -12.89 19.25 -10.22
N ARG A 21 -13.69 20.26 -9.87
CA ARG A 21 -13.45 21.06 -8.67
C ARG A 21 -12.08 21.72 -8.69
N GLY A 22 -11.56 21.97 -9.89
CA GLY A 22 -10.27 22.62 -10.01
C GLY A 22 -9.05 21.72 -10.06
N TYR A 23 -9.26 20.40 -10.02
CA TYR A 23 -8.12 19.48 -10.06
C TYR A 23 -7.87 19.01 -11.49
N SER A 24 -6.73 19.42 -12.03
CA SER A 24 -6.36 19.08 -13.40
C SER A 24 -6.21 17.59 -13.66
N LEU A 25 -6.41 17.22 -14.92
CA LEU A 25 -6.31 15.84 -15.35
C LEU A 25 -4.92 15.28 -15.06
N GLY A 26 -3.92 16.15 -15.14
CA GLY A 26 -2.55 15.74 -14.87
C GLY A 26 -2.44 15.16 -13.47
N ASN A 27 -2.99 15.87 -12.50
CA ASN A 27 -2.96 15.42 -11.11
C ASN A 27 -3.59 14.06 -10.94
N TRP A 28 -4.72 13.83 -11.58
CA TRP A 28 -5.40 12.55 -11.48
C TRP A 28 -4.58 11.42 -12.09
N VAL A 29 -3.92 11.71 -13.21
CA VAL A 29 -3.10 10.71 -13.88
C VAL A 29 -1.86 10.42 -13.04
N CYS A 30 -1.27 11.46 -12.48
CA CYS A 30 -0.08 11.27 -11.66
C CYS A 30 -0.44 10.45 -10.42
N ALA A 31 -1.60 10.73 -9.85
CA ALA A 31 -2.06 10.02 -8.67
C ALA A 31 -2.21 8.52 -8.94
N ALA A 32 -2.89 8.18 -10.04
CA ALA A 32 -3.10 6.79 -10.40
C ALA A 32 -1.79 6.06 -10.68
N LYS A 33 -0.82 6.78 -11.22
CA LYS A 33 0.48 6.20 -11.53
C LYS A 33 1.16 5.67 -10.28
N PHE A 34 1.30 6.53 -9.28
CA PHE A 34 1.96 6.18 -8.04
C PHE A 34 1.11 5.42 -7.03
N GLU A 35 -0.21 5.44 -7.21
CA GLU A 35 -1.10 4.73 -6.30
C GLU A 35 -1.28 3.27 -6.72
N SER A 36 -1.47 3.04 -8.00
CA SER A 36 -1.71 1.67 -8.48
C SER A 36 -0.93 1.28 -9.73
N ASN A 37 -0.12 2.18 -10.24
CA ASN A 37 0.65 1.92 -11.46
C ASN A 37 -0.32 1.60 -12.61
N PHE A 38 -1.43 2.33 -12.65
CA PHE A 38 -2.46 2.17 -13.66
C PHE A 38 -3.17 0.83 -13.67
N ASN A 39 -2.99 0.05 -12.61
CA ASN A 39 -3.61 -1.26 -12.50
C ASN A 39 -4.96 -1.20 -11.79
N THR A 40 -6.04 -1.55 -12.49
CA THR A 40 -7.37 -1.52 -11.93
C THR A 40 -7.62 -2.59 -10.87
N GLN A 41 -6.76 -3.60 -10.82
CA GLN A 41 -6.93 -4.69 -9.86
C GLN A 41 -6.05 -4.56 -8.61
N ALA A 42 -5.21 -3.53 -8.57
CA ALA A 42 -4.33 -3.30 -7.43
C ALA A 42 -5.09 -3.27 -6.10
N THR A 43 -4.63 -4.07 -5.15
CA THR A 43 -5.22 -4.11 -3.81
C THR A 43 -4.07 -4.14 -2.83
N ASN A 44 -4.11 -3.27 -1.82
CA ASN A 44 -3.04 -3.19 -0.83
C ASN A 44 -3.54 -3.14 0.60
N ARG A 45 -3.12 -4.10 1.40
CA ARG A 45 -3.49 -4.15 2.81
C ARG A 45 -2.57 -3.17 3.55
N ASN A 46 -3.17 -2.34 4.39
CA ASN A 46 -2.42 -1.35 5.16
C ASN A 46 -2.19 -1.87 6.57
N THR A 47 -1.29 -1.23 7.30
CA THR A 47 -0.95 -1.66 8.66
C THR A 47 -2.10 -1.59 9.67
N ASP A 48 -3.12 -0.79 9.36
CA ASP A 48 -4.25 -0.64 10.27
C ASP A 48 -5.42 -1.59 10.02
N GLY A 49 -5.23 -2.54 9.11
CA GLY A 49 -6.30 -3.50 8.82
C GLY A 49 -7.20 -3.15 7.64
N SER A 50 -7.13 -1.91 7.17
CA SER A 50 -7.95 -1.50 6.03
C SER A 50 -7.23 -1.85 4.74
N THR A 51 -7.97 -1.88 3.65
CA THR A 51 -7.41 -2.20 2.34
C THR A 51 -7.74 -1.09 1.34
N ASP A 52 -6.78 -0.77 0.47
CA ASP A 52 -7.00 0.24 -0.57
C ASP A 52 -7.25 -0.52 -1.88
N TYR A 53 -8.36 -0.18 -2.55
CA TYR A 53 -8.74 -0.86 -3.79
C TYR A 53 -8.76 -0.05 -5.09
N GLY A 54 -8.39 -0.71 -6.17
CA GLY A 54 -8.45 -0.10 -7.49
C GLY A 54 -7.37 0.85 -7.97
N ILE A 55 -7.59 1.36 -9.18
CA ILE A 55 -6.66 2.28 -9.81
C ILE A 55 -6.42 3.55 -8.99
N LEU A 56 -7.37 3.91 -8.13
CA LEU A 56 -7.19 5.10 -7.29
C LEU A 56 -7.02 4.76 -5.81
N GLN A 57 -6.84 3.47 -5.52
CA GLN A 57 -6.61 3.00 -4.15
C GLN A 57 -7.52 3.58 -3.10
N ILE A 58 -8.82 3.33 -3.25
CA ILE A 58 -9.83 3.83 -2.33
C ILE A 58 -9.92 2.94 -1.08
N ASN A 59 -9.82 3.59 0.08
CA ASN A 59 -9.82 2.93 1.39
C ASN A 59 -11.14 2.36 1.90
N SER A 60 -11.09 1.12 2.37
CA SER A 60 -12.26 0.41 2.87
C SER A 60 -12.69 0.85 4.26
N ARG A 61 -11.90 1.73 4.88
CA ARG A 61 -12.23 2.21 6.20
C ARG A 61 -13.24 3.36 6.14
N TRP A 62 -13.11 4.20 5.13
CA TRP A 62 -13.99 5.35 5.02
C TRP A 62 -14.89 5.43 3.80
N TRP A 63 -14.39 5.00 2.65
CA TRP A 63 -15.13 5.13 1.40
C TRP A 63 -15.96 4.00 0.82
N CYS A 64 -15.43 2.77 0.86
CA CYS A 64 -16.19 1.64 0.32
C CYS A 64 -16.27 0.53 1.36
N ASN A 65 -17.24 -0.37 1.17
CA ASN A 65 -17.42 -1.48 2.10
C ASN A 65 -16.94 -2.78 1.47
N ASP A 66 -15.95 -3.41 2.09
CA ASP A 66 -15.43 -4.67 1.58
C ASP A 66 -15.88 -5.80 2.50
N GLY A 67 -16.71 -5.45 3.48
CA GLY A 67 -17.24 -6.43 4.41
C GLY A 67 -16.20 -7.04 5.34
N ARG A 68 -14.99 -6.48 5.35
CA ARG A 68 -13.92 -7.00 6.19
C ARG A 68 -13.17 -5.90 6.94
N THR A 69 -13.76 -4.72 7.02
CA THR A 69 -13.13 -3.60 7.71
C THR A 69 -14.02 -2.99 8.79
N PRO A 70 -13.71 -3.27 10.06
CA PRO A 70 -14.49 -2.75 11.19
C PRO A 70 -14.59 -1.23 11.18
N GLY A 71 -15.78 -0.72 11.51
CA GLY A 71 -15.99 0.72 11.55
C GLY A 71 -15.93 1.42 10.21
N SER A 72 -16.26 0.69 9.14
CA SER A 72 -16.24 1.24 7.79
C SER A 72 -17.41 2.20 7.59
N ARG A 73 -17.10 3.45 7.28
CA ARG A 73 -18.12 4.48 7.08
C ARG A 73 -18.80 4.39 5.71
N ASN A 74 -18.10 3.81 4.73
CA ASN A 74 -18.63 3.65 3.37
C ASN A 74 -19.33 4.91 2.86
N LEU A 75 -18.58 6.01 2.83
CA LEU A 75 -19.12 7.30 2.38
C LEU A 75 -19.51 7.36 0.91
N CYS A 76 -19.02 6.41 0.11
CA CYS A 76 -19.38 6.37 -1.31
C CYS A 76 -20.52 5.40 -1.57
N ASN A 77 -21.06 4.84 -0.48
CA ASN A 77 -22.16 3.88 -0.58
C ASN A 77 -21.94 2.90 -1.72
N ILE A 78 -20.87 2.12 -1.64
CA ILE A 78 -20.56 1.16 -2.68
C ILE A 78 -19.61 0.07 -2.21
N PRO A 79 -19.78 -1.16 -2.70
CA PRO A 79 -18.91 -2.27 -2.32
C PRO A 79 -17.53 -2.10 -2.98
N CYS A 80 -16.47 -2.32 -2.20
CA CYS A 80 -15.12 -2.15 -2.70
C CYS A 80 -14.83 -3.01 -3.94
N SER A 81 -15.52 -4.14 -4.06
CA SER A 81 -15.32 -5.04 -5.19
C SER A 81 -15.73 -4.38 -6.50
N ALA A 82 -16.51 -3.30 -6.40
CA ALA A 82 -16.96 -2.58 -7.59
C ALA A 82 -15.83 -1.67 -8.08
N LEU A 83 -14.86 -1.41 -7.21
CA LEU A 83 -13.73 -0.54 -7.55
C LEU A 83 -12.61 -1.27 -8.28
N LEU A 84 -12.82 -2.56 -8.55
CA LEU A 84 -11.81 -3.36 -9.23
C LEU A 84 -12.15 -3.62 -10.69
N SER A 85 -13.34 -3.17 -11.10
CA SER A 85 -13.81 -3.34 -12.48
C SER A 85 -12.84 -2.78 -13.52
N SER A 86 -13.00 -3.24 -14.76
CA SER A 86 -12.18 -2.78 -15.88
C SER A 86 -12.65 -1.38 -16.25
N ASP A 87 -13.89 -1.10 -15.90
CA ASP A 87 -14.48 0.21 -16.15
C ASP A 87 -14.25 1.04 -14.89
N ILE A 88 -13.58 2.17 -15.05
CA ILE A 88 -13.24 3.03 -13.92
C ILE A 88 -14.34 3.97 -13.42
N THR A 89 -15.55 3.81 -13.92
CA THR A 89 -16.66 4.69 -13.52
C THR A 89 -16.88 4.80 -12.02
N ALA A 90 -17.02 3.66 -11.34
CA ALA A 90 -17.26 3.67 -9.90
C ALA A 90 -16.11 4.33 -9.15
N SER A 91 -14.89 3.98 -9.51
CA SER A 91 -13.72 4.55 -8.85
C SER A 91 -13.66 6.06 -9.04
N VAL A 92 -13.87 6.50 -10.28
CA VAL A 92 -13.84 7.93 -10.59
C VAL A 92 -14.92 8.71 -9.85
N ASN A 93 -16.11 8.12 -9.76
CA ASN A 93 -17.21 8.82 -9.08
C ASN A 93 -17.07 8.85 -7.57
N CYS A 94 -16.36 7.88 -7.01
CA CYS A 94 -16.14 7.87 -5.57
C CYS A 94 -15.05 8.92 -5.31
N ALA A 95 -14.07 9.00 -6.20
CA ALA A 95 -13.00 9.98 -6.05
C ALA A 95 -13.59 11.40 -6.01
N LYS A 96 -14.63 11.64 -6.80
CA LYS A 96 -15.27 12.95 -6.83
C LYS A 96 -15.78 13.31 -5.44
N LYS A 97 -16.36 12.34 -4.75
CA LYS A 97 -16.88 12.55 -3.40
C LYS A 97 -15.74 12.77 -2.41
N ILE A 98 -14.62 12.09 -2.64
CA ILE A 98 -13.46 12.21 -1.77
C ILE A 98 -12.83 13.60 -1.80
N VAL A 99 -12.53 14.11 -2.99
CA VAL A 99 -11.92 15.42 -3.14
C VAL A 99 -12.82 16.59 -2.76
N SER A 100 -14.09 16.29 -2.46
CA SER A 100 -15.03 17.33 -2.10
C SER A 100 -15.05 17.60 -0.59
N ASP A 101 -14.60 16.61 0.19
CA ASP A 101 -14.59 16.74 1.64
C ASP A 101 -13.90 17.99 2.16
N GLY A 102 -12.65 18.21 1.75
CA GLY A 102 -11.95 19.38 2.22
C GLY A 102 -10.45 19.19 2.34
N ASN A 103 -9.99 17.95 2.10
CA ASN A 103 -8.57 17.65 2.18
C ASN A 103 -8.00 17.71 0.77
N GLY A 104 -8.85 17.99 -0.20
CA GLY A 104 -8.42 18.05 -1.58
C GLY A 104 -7.86 16.70 -1.98
N MET A 105 -6.79 16.71 -2.78
CA MET A 105 -6.19 15.46 -3.21
C MET A 105 -5.15 14.95 -2.21
N ASN A 106 -5.00 15.66 -1.09
CA ASN A 106 -4.04 15.24 -0.06
C ASN A 106 -4.45 13.90 0.52
N ALA A 107 -5.71 13.54 0.29
CA ALA A 107 -6.25 12.28 0.78
C ALA A 107 -5.47 11.11 0.18
N TRP A 108 -4.83 11.35 -0.96
CA TRP A 108 -4.05 10.31 -1.63
C TRP A 108 -2.60 10.42 -1.23
N VAL A 109 -2.18 9.51 -0.34
CA VAL A 109 -0.82 9.50 0.19
C VAL A 109 0.30 9.47 -0.85
N ALA A 110 0.13 8.69 -1.91
CA ALA A 110 1.18 8.63 -2.94
C ALA A 110 1.22 9.94 -3.72
N TRP A 111 0.04 10.50 -4.00
CA TRP A 111 -0.02 11.76 -4.74
C TRP A 111 0.68 12.87 -3.95
N ARG A 112 0.38 12.97 -2.66
CA ARG A 112 0.96 14.01 -1.81
C ARG A 112 2.48 13.93 -1.75
N ASN A 113 3.01 12.71 -1.84
CA ASN A 113 4.46 12.51 -1.76
C ASN A 113 5.20 12.44 -3.09
N ARG A 114 4.50 12.15 -4.18
CA ARG A 114 5.17 12.04 -5.46
C ARG A 114 4.75 13.08 -6.51
N CYS A 115 3.49 13.50 -6.46
CA CYS A 115 2.95 14.45 -7.43
C CYS A 115 2.89 15.90 -6.98
N LYS A 116 2.34 16.13 -5.79
CA LYS A 116 2.21 17.47 -5.24
C LYS A 116 3.52 18.25 -5.42
N GLY A 117 3.41 19.46 -5.97
CA GLY A 117 4.60 20.29 -6.16
C GLY A 117 5.45 20.00 -7.37
N THR A 118 4.90 19.27 -8.34
CA THR A 118 5.63 18.94 -9.56
C THR A 118 4.79 19.29 -10.78
N ASP A 119 5.43 19.29 -11.95
CA ASP A 119 4.74 19.60 -13.19
C ASP A 119 3.91 18.39 -13.63
N VAL A 120 2.70 18.27 -13.07
CA VAL A 120 1.83 17.15 -13.40
C VAL A 120 1.26 17.26 -14.81
N GLN A 121 1.42 18.42 -15.43
CA GLN A 121 0.93 18.63 -16.79
C GLN A 121 1.67 17.71 -17.75
N ALA A 122 2.88 17.30 -17.37
CA ALA A 122 3.69 16.41 -18.20
C ALA A 122 3.00 15.07 -18.39
N TRP A 123 2.18 14.66 -17.42
CA TRP A 123 1.48 13.39 -17.49
C TRP A 123 0.44 13.29 -18.61
N ILE A 124 0.01 14.43 -19.14
CA ILE A 124 -0.98 14.42 -20.21
C ILE A 124 -0.36 14.92 -21.51
N ARG A 125 0.96 15.05 -21.52
CA ARG A 125 1.68 15.52 -22.70
C ARG A 125 1.78 14.41 -23.75
N GLY A 126 1.55 14.76 -25.00
CA GLY A 126 1.61 13.77 -26.07
C GLY A 126 0.36 12.93 -26.19
N CYS A 127 -0.68 13.31 -25.44
CA CYS A 127 -1.93 12.58 -25.46
C CYS A 127 -2.94 13.22 -26.43
N ARG A 128 -3.69 12.37 -27.13
CA ARG A 128 -4.69 12.87 -28.08
C ARG A 128 -6.03 13.11 -27.41
N LEU A 129 -6.04 13.95 -26.38
CA LEU A 129 -7.27 14.26 -25.66
C LEU A 129 -8.10 15.30 -26.40
N VAL B 2 10.98 0.18 -7.74
CA VAL B 2 11.18 -0.50 -6.42
C VAL B 2 11.18 -2.01 -6.55
N GLN B 3 12.14 -2.65 -5.89
CA GLN B 3 12.27 -4.11 -5.88
C GLN B 3 12.54 -4.56 -4.45
N LEU B 4 11.83 -5.60 -4.03
CA LEU B 4 12.00 -6.15 -2.69
C LEU B 4 12.17 -7.67 -2.80
N VAL B 5 13.31 -8.18 -2.35
CA VAL B 5 13.54 -9.61 -2.42
C VAL B 5 13.85 -10.17 -1.04
N GLU B 6 13.05 -11.13 -0.61
CA GLU B 6 13.22 -11.73 0.69
C GLU B 6 14.00 -13.04 0.64
N SER B 7 14.51 -13.45 1.80
CA SER B 7 15.24 -14.71 1.94
C SER B 7 15.35 -15.02 3.43
N GLY B 8 15.55 -16.29 3.76
CA GLY B 8 15.70 -16.66 5.16
C GLY B 8 14.63 -17.56 5.77
N GLY B 9 13.59 -17.86 5.02
CA GLY B 9 12.53 -18.71 5.55
C GLY B 9 13.02 -20.10 5.92
N GLY B 10 12.19 -20.85 6.63
CA GLY B 10 12.57 -22.20 7.02
C GLY B 10 11.60 -22.86 7.98
N SER B 11 11.91 -24.08 8.37
CA SER B 11 11.07 -24.82 9.30
C SER B 11 11.89 -25.14 10.54
N VAL B 12 11.43 -24.65 11.68
CA VAL B 12 12.13 -24.86 12.94
C VAL B 12 11.22 -25.31 14.08
N GLN B 13 11.82 -25.56 15.23
CA GLN B 13 11.09 -26.00 16.40
C GLN B 13 10.87 -24.81 17.33
N ALA B 14 9.79 -24.86 18.10
CA ALA B 14 9.49 -23.79 19.03
C ALA B 14 10.73 -23.43 19.85
N GLY B 15 10.82 -22.17 20.27
CA GLY B 15 11.95 -21.74 21.07
C GLY B 15 13.15 -21.24 20.28
N GLU B 16 13.32 -21.73 19.05
CA GLU B 16 14.46 -21.31 18.25
C GLU B 16 14.27 -19.92 17.64
N SER B 17 15.32 -19.44 16.99
CA SER B 17 15.31 -18.12 16.36
C SER B 17 15.61 -18.21 14.87
N LEU B 18 15.12 -17.22 14.13
CA LEU B 18 15.34 -17.16 12.69
C LEU B 18 15.47 -15.69 12.31
N ARG B 19 16.23 -15.40 11.26
CA ARG B 19 16.37 -14.03 10.81
C ARG B 19 16.01 -13.95 9.34
N LEU B 20 15.03 -13.12 9.01
CA LEU B 20 14.64 -12.93 7.62
C LEU B 20 15.31 -11.65 7.14
N SER B 21 15.57 -11.59 5.84
CA SER B 21 16.19 -10.40 5.27
C SER B 21 15.38 -9.96 4.06
N CYS B 22 15.38 -8.66 3.84
CA CYS B 22 14.68 -8.08 2.72
C CYS B 22 15.64 -7.12 2.03
N ALA B 23 16.17 -7.53 0.88
CA ALA B 23 17.08 -6.68 0.10
C ALA B 23 16.18 -5.78 -0.71
N ALA B 24 16.39 -4.48 -0.61
CA ALA B 24 15.55 -3.54 -1.31
C ALA B 24 16.29 -2.53 -2.16
N SER B 25 15.72 -2.18 -3.31
CA SER B 25 16.31 -1.15 -4.15
C SER B 25 15.20 -0.16 -4.47
N GLY B 26 15.55 1.12 -4.58
CA GLY B 26 14.55 2.12 -4.90
C GLY B 26 13.68 2.65 -3.79
N VAL B 27 13.93 2.23 -2.54
CA VAL B 27 13.12 2.71 -1.42
C VAL B 27 13.81 3.93 -0.83
N THR B 28 13.84 5.00 -1.62
CA THR B 28 14.48 6.25 -1.22
C THR B 28 13.56 7.43 -1.43
N TYR B 29 12.32 7.16 -1.85
CA TYR B 29 11.35 8.23 -2.10
C TYR B 29 10.89 8.90 -0.82
N LYS B 30 10.29 10.08 -0.95
CA LYS B 30 9.84 10.85 0.20
C LYS B 30 8.88 10.12 1.14
N ASN B 31 9.14 10.23 2.44
CA ASN B 31 8.33 9.62 3.49
C ASN B 31 8.06 8.12 3.37
N TYR B 32 9.06 7.34 2.99
CA TYR B 32 8.86 5.90 2.87
C TYR B 32 8.80 5.23 4.24
N CYS B 33 8.18 4.06 4.25
CA CYS B 33 8.13 3.21 5.43
C CYS B 33 8.30 1.81 4.85
N ILE B 34 9.01 0.97 5.55
CA ILE B 34 9.24 -0.37 5.06
C ILE B 34 9.17 -1.31 6.26
N GLY B 35 8.63 -2.50 6.03
CA GLY B 35 8.49 -3.43 7.12
C GLY B 35 8.03 -4.80 6.70
N TRP B 36 7.39 -5.48 7.64
CA TRP B 36 6.95 -6.84 7.43
C TRP B 36 5.48 -7.06 7.77
N PHE B 37 4.85 -7.91 6.94
CA PHE B 37 3.47 -8.33 7.11
C PHE B 37 3.57 -9.85 7.26
N ARG B 38 2.53 -10.45 7.80
CA ARG B 38 2.50 -11.88 8.01
C ARG B 38 1.10 -12.39 7.68
N GLN B 39 1.02 -13.58 7.07
CA GLN B 39 -0.27 -14.18 6.77
C GLN B 39 -0.25 -15.67 7.13
N ALA B 40 -0.89 -16.00 8.24
CA ALA B 40 -0.96 -17.38 8.71
C ALA B 40 -2.11 -18.08 7.99
N PRO B 41 -2.05 -19.41 7.89
CA PRO B 41 -3.11 -20.16 7.22
C PRO B 41 -4.45 -19.80 7.85
N GLY B 42 -5.47 -19.58 7.01
CA GLY B 42 -6.79 -19.27 7.50
C GLY B 42 -7.02 -17.87 8.06
N LYS B 43 -5.99 -17.04 8.06
CA LYS B 43 -6.10 -15.69 8.59
C LYS B 43 -5.80 -14.62 7.55
N ASP B 44 -6.09 -13.37 7.88
CA ASP B 44 -5.82 -12.28 6.98
C ASP B 44 -4.37 -11.82 7.13
N ARG B 45 -3.86 -11.19 6.08
CA ARG B 45 -2.50 -10.68 6.10
C ARG B 45 -2.50 -9.53 7.11
N GLU B 46 -1.59 -9.57 8.07
CA GLU B 46 -1.53 -8.50 9.09
C GLU B 46 -0.14 -7.89 9.21
N GLY B 47 -0.11 -6.61 9.58
CA GLY B 47 1.17 -5.92 9.75
C GLY B 47 1.89 -6.38 11.01
N VAL B 48 3.21 -6.46 10.92
CA VAL B 48 4.01 -6.90 12.07
C VAL B 48 4.81 -5.76 12.68
N VAL B 49 5.79 -5.25 11.94
CA VAL B 49 6.61 -4.16 12.43
C VAL B 49 7.20 -3.40 11.24
N PHE B 50 7.30 -2.08 11.39
CA PHE B 50 7.81 -1.19 10.34
C PHE B 50 8.76 -0.13 10.88
N ILE B 51 9.60 0.39 9.98
CA ILE B 51 10.52 1.47 10.32
C ILE B 51 10.27 2.57 9.26
N ASN B 52 10.34 3.83 9.67
CA ASN B 52 10.11 4.92 8.72
C ASN B 52 11.40 5.64 8.33
N SER B 53 11.29 6.60 7.41
CA SER B 53 12.45 7.35 6.93
C SER B 53 13.18 8.17 8.00
N ASP B 54 12.58 8.32 9.18
CA ASP B 54 13.23 9.06 10.26
C ASP B 54 13.83 8.12 11.29
N GLY B 55 13.74 6.82 11.03
CA GLY B 55 14.28 5.83 11.94
C GLY B 55 13.31 5.37 13.03
N GLY B 56 12.08 5.86 12.98
CA GLY B 56 11.10 5.46 13.98
C GLY B 56 10.56 4.07 13.69
N ILE B 57 10.39 3.25 14.73
CA ILE B 57 9.89 1.89 14.61
C ILE B 57 8.53 1.78 15.28
N THR B 58 7.58 1.14 14.58
CA THR B 58 6.23 0.97 15.10
C THR B 58 5.79 -0.48 14.96
N TYR B 59 5.22 -1.02 16.03
CA TYR B 59 4.73 -2.41 16.02
C TYR B 59 3.22 -2.45 15.78
N TYR B 60 2.77 -3.41 14.98
CA TYR B 60 1.36 -3.53 14.70
C TYR B 60 0.77 -4.84 15.22
N ALA B 61 1.65 -5.78 15.58
CA ALA B 61 1.23 -7.05 16.14
C ALA B 61 1.74 -7.10 17.57
N ASP B 62 0.85 -6.88 18.53
CA ASP B 62 1.21 -6.85 19.94
C ASP B 62 1.83 -8.13 20.47
N SER B 63 1.48 -9.28 19.88
CA SER B 63 2.01 -10.55 20.33
C SER B 63 3.48 -10.77 19.97
N VAL B 64 4.03 -9.95 19.07
CA VAL B 64 5.42 -10.12 18.68
C VAL B 64 6.36 -9.14 19.38
N LYS B 65 5.79 -8.19 20.11
CA LYS B 65 6.61 -7.22 20.83
C LYS B 65 7.49 -7.97 21.82
N GLY B 66 8.76 -7.59 21.89
CA GLY B 66 9.67 -8.26 22.80
C GLY B 66 10.30 -9.52 22.22
N ARG B 67 9.71 -10.06 21.16
CA ARG B 67 10.25 -11.26 20.52
C ARG B 67 10.84 -10.97 19.15
N PHE B 68 10.20 -10.08 18.39
CA PHE B 68 10.65 -9.71 17.05
C PHE B 68 11.28 -8.33 17.04
N THR B 69 12.39 -8.20 16.32
CA THR B 69 13.13 -6.94 16.21
C THR B 69 13.41 -6.63 14.74
N ILE B 70 13.33 -5.36 14.38
CA ILE B 70 13.61 -4.97 13.01
C ILE B 70 14.85 -4.10 13.00
N SER B 71 15.67 -4.25 11.97
CA SER B 71 16.87 -3.44 11.86
C SER B 71 17.17 -3.20 10.38
N GLN B 72 17.83 -2.08 10.11
CA GLN B 72 18.16 -1.70 8.75
C GLN B 72 19.67 -1.54 8.62
N ASP B 73 20.25 -2.14 7.59
CA ASP B 73 21.68 -2.05 7.35
C ASP B 73 21.91 -1.25 6.06
N ASN B 74 22.11 0.06 6.22
CA ASN B 74 22.33 0.96 5.10
C ASN B 74 23.41 0.49 4.13
N ALA B 75 24.55 0.09 4.66
CA ALA B 75 25.66 -0.37 3.84
C ALA B 75 25.24 -1.50 2.89
N LYS B 76 24.18 -2.23 3.23
CA LYS B 76 23.75 -3.34 2.37
C LYS B 76 22.32 -3.20 1.86
N ASN B 77 21.75 -2.00 1.98
CA ASN B 77 20.36 -1.74 1.58
C ASN B 77 19.47 -2.94 1.88
N THR B 78 19.56 -3.42 3.12
CA THR B 78 18.80 -4.57 3.58
C THR B 78 18.12 -4.27 4.91
N VAL B 79 16.89 -4.78 5.05
CA VAL B 79 16.12 -4.65 6.28
C VAL B 79 15.97 -6.08 6.83
N TYR B 80 16.13 -6.25 8.14
CA TYR B 80 16.05 -7.57 8.75
C TYR B 80 14.90 -7.68 9.75
N LEU B 81 14.44 -8.92 9.95
CA LEU B 81 13.41 -9.21 10.94
C LEU B 81 14.00 -10.34 11.76
N GLN B 82 14.42 -10.03 12.98
CA GLN B 82 14.99 -11.03 13.88
C GLN B 82 13.81 -11.61 14.65
N MET B 83 13.58 -12.91 14.50
CA MET B 83 12.47 -13.58 15.16
C MET B 83 12.98 -14.55 16.23
N ASN B 84 12.75 -14.19 17.49
CA ASN B 84 13.20 -14.99 18.62
C ASN B 84 12.03 -15.69 19.32
N SER B 85 12.33 -16.76 20.06
CA SER B 85 11.32 -17.52 20.79
C SER B 85 10.14 -17.87 19.90
N LEU B 86 10.41 -18.45 18.74
CA LEU B 86 9.34 -18.81 17.83
C LEU B 86 8.34 -19.78 18.44
N LYS B 87 7.07 -19.57 18.11
CA LYS B 87 5.96 -20.40 18.58
C LYS B 87 5.22 -20.88 17.34
N PRO B 88 4.52 -22.02 17.44
CA PRO B 88 3.77 -22.58 16.31
C PRO B 88 2.82 -21.57 15.67
N GLU B 89 2.29 -20.65 16.48
CA GLU B 89 1.38 -19.64 15.96
C GLU B 89 2.09 -18.67 15.02
N ASP B 90 3.42 -18.67 15.07
CA ASP B 90 4.18 -17.77 14.20
C ASP B 90 4.29 -18.32 12.79
N THR B 91 3.79 -19.54 12.60
CA THR B 91 3.81 -20.17 11.28
C THR B 91 3.01 -19.29 10.32
N ALA B 92 3.62 -18.92 9.21
CA ALA B 92 2.94 -18.07 8.23
C ALA B 92 3.88 -17.68 7.10
N SER B 93 3.31 -17.03 6.09
CA SER B 93 4.10 -16.54 4.97
C SER B 93 4.45 -15.12 5.45
N TYR B 94 5.71 -14.75 5.34
CA TYR B 94 6.14 -13.43 5.76
C TYR B 94 6.49 -12.60 4.54
N TYR B 95 5.97 -11.38 4.48
CA TYR B 95 6.20 -10.48 3.36
C TYR B 95 6.89 -9.19 3.73
N CYS B 96 7.83 -8.80 2.91
CA CYS B 96 8.52 -7.53 3.12
C CYS B 96 7.64 -6.58 2.31
N ALA B 97 7.38 -5.38 2.83
CA ALA B 97 6.55 -4.43 2.12
C ALA B 97 7.01 -2.99 2.35
N ALA B 98 6.76 -2.12 1.38
CA ALA B 98 7.14 -0.74 1.51
C ALA B 98 5.99 0.15 1.06
N GLY B 99 5.88 1.32 1.66
CA GLY B 99 4.81 2.23 1.31
C GLY B 99 5.13 3.65 1.73
N TYR B 100 4.09 4.40 2.10
CA TYR B 100 4.24 5.80 2.52
C TYR B 100 3.72 6.00 3.94
N ARG B 101 4.43 6.81 4.72
CA ARG B 101 4.03 7.11 6.09
C ARG B 101 2.69 7.83 6.04
N ASN B 102 1.77 7.42 6.90
CA ASN B 102 0.46 8.06 6.92
C ASN B 102 -0.01 8.19 8.37
N TYR B 103 0.62 9.12 9.07
CA TYR B 103 0.29 9.41 10.46
C TYR B 103 0.28 8.18 11.37
N GLY B 104 1.41 7.49 11.42
CA GLY B 104 1.52 6.32 12.29
C GLY B 104 1.25 4.99 11.61
N GLN B 105 0.69 5.03 10.41
CA GLN B 105 0.39 3.82 9.66
C GLN B 105 1.24 3.81 8.39
N CYS B 106 1.44 2.64 7.81
CA CYS B 106 2.20 2.58 6.56
C CYS B 106 1.24 2.15 5.46
N ALA B 107 1.02 3.04 4.49
CA ALA B 107 0.14 2.75 3.36
C ALA B 107 1.01 2.00 2.36
N THR B 108 0.88 0.69 2.35
CA THR B 108 1.71 -0.16 1.49
C THR B 108 1.36 -0.11 0.01
N ARG B 109 2.39 -0.09 -0.82
CA ARG B 109 2.20 -0.04 -2.26
C ARG B 109 3.13 -0.99 -3.02
N TYR B 110 4.14 -1.52 -2.33
CA TYR B 110 5.11 -2.44 -2.95
C TYR B 110 5.30 -3.67 -2.09
N TRP B 111 5.34 -4.85 -2.71
CA TRP B 111 5.50 -6.10 -1.96
C TRP B 111 6.61 -7.02 -2.45
N GLY B 112 7.19 -7.77 -1.51
CA GLY B 112 8.22 -8.73 -1.86
C GLY B 112 7.51 -10.02 -2.25
N GLN B 113 8.27 -11.05 -2.60
CA GLN B 113 7.66 -12.31 -3.02
C GLN B 113 7.13 -13.18 -1.89
N GLY B 114 7.61 -12.95 -0.68
CA GLY B 114 7.14 -13.72 0.46
C GLY B 114 8.02 -14.93 0.73
N THR B 115 8.15 -15.28 1.99
CA THR B 115 8.95 -16.44 2.39
C THR B 115 8.17 -17.18 3.47
N GLN B 116 8.25 -18.50 3.45
CA GLN B 116 7.51 -19.32 4.43
C GLN B 116 8.29 -19.65 5.69
N VAL B 117 7.63 -19.52 6.83
CA VAL B 117 8.22 -19.84 8.12
C VAL B 117 7.26 -20.80 8.84
N THR B 118 7.72 -22.03 9.01
CA THR B 118 6.91 -23.06 9.67
C THR B 118 7.51 -23.41 11.03
N VAL B 119 6.71 -23.26 12.08
CA VAL B 119 7.17 -23.59 13.42
C VAL B 119 6.35 -24.79 13.89
N SER B 120 7.02 -25.86 14.29
CA SER B 120 6.32 -27.05 14.76
C SER B 120 6.14 -26.99 16.26
P PO4 C . 5.06 8.68 11.11
O1 PO4 C . 3.64 9.06 10.58
O2 PO4 C . 5.90 9.97 11.46
O3 PO4 C . 5.86 7.44 10.50
O4 PO4 C . 4.78 8.08 12.49
P PO4 D . -6.07 -11.01 2.77
O1 PO4 D . -7.55 -10.40 2.39
O2 PO4 D . -4.86 -9.94 2.92
O3 PO4 D . -5.78 -12.54 2.31
O4 PO4 D . -6.29 -11.13 4.31
#